data_5CMO
#
_entry.id   5CMO
#
_cell.length_a   48.064
_cell.length_b   90.073
_cell.length_c   93.045
_cell.angle_alpha   90.00
_cell.angle_beta   90.00
_cell.angle_gamma   90.00
#
_symmetry.space_group_name_H-M   'P 21 21 21'
#
loop_
_entity.id
_entity.type
_entity.pdbx_description
1 polymer 'Holo-[acyl-carrier-protein] synthase'
2 non-polymer GLYCEROL
3 water water
#
_entity_poly.entity_id   1
_entity_poly.type   'polypeptide(L)'
_entity_poly.pdbx_seq_one_letter_code
;MIYGIGTDIVSLKRIIRLNKKFGQAFAGRILTPEELLEFPQAGKPVNYLAKRFAAKEAFAKAVGTGIRGAVSFRNIGIGH
DALGKPEFFYGPALSKWLEEQGISRVSLSMSDEEDTVLAFVVAEK
;
_entity_poly.pdbx_strand_id   A,B,C
#
# COMPACT_ATOMS: atom_id res chain seq x y z
N MET A 1 -13.28 -13.68 -2.02
CA MET A 1 -12.55 -13.36 -0.76
C MET A 1 -11.07 -13.08 -1.05
N ILE A 2 -10.34 -12.65 -0.02
CA ILE A 2 -8.92 -12.34 -0.15
C ILE A 2 -8.07 -13.49 0.39
N TYR A 3 -7.20 -14.03 -0.44
CA TYR A 3 -6.28 -15.07 -0.02
C TYR A 3 -5.18 -14.46 0.84
N GLY A 4 -4.69 -13.32 0.39
CA GLY A 4 -3.66 -12.59 1.11
C GLY A 4 -3.29 -11.32 0.37
N ILE A 5 -2.58 -10.44 1.08
CA ILE A 5 -2.11 -9.20 0.49
C ILE A 5 -0.60 -9.09 0.68
N GLY A 6 0.03 -8.32 -0.20
CA GLY A 6 1.46 -8.14 -0.16
C GLY A 6 1.87 -6.76 -0.63
N THR A 7 2.96 -6.26 -0.08
CA THR A 7 3.54 -5.00 -0.54
C THR A 7 5.05 -5.05 -0.45
N ASP A 8 5.70 -4.22 -1.26
CA ASP A 8 7.14 -4.04 -1.16
C ASP A 8 7.52 -2.70 -1.77
N ILE A 9 8.54 -2.08 -1.19
CA ILE A 9 9.08 -0.82 -1.70
C ILE A 9 10.55 -1.01 -2.01
N VAL A 10 10.99 -0.43 -3.13
CA VAL A 10 12.36 -0.58 -3.59
C VAL A 10 12.95 0.77 -3.97
N SER A 11 14.17 1.00 -3.52
CA SER A 11 14.90 2.21 -3.86
C SER A 11 15.68 2.02 -5.15
N LEU A 12 15.54 2.96 -6.07
CA LEU A 12 16.27 2.89 -7.34
C LEU A 12 17.78 2.85 -7.09
N LYS A 13 18.23 3.58 -6.07
CA LYS A 13 19.65 3.66 -5.77
C LYS A 13 20.19 2.34 -5.22
N ARG A 14 19.35 1.62 -4.49
CA ARG A 14 19.71 0.32 -3.97
C ARG A 14 19.93 -0.66 -5.13
N ILE A 15 19.07 -0.58 -6.13
CA ILE A 15 19.19 -1.42 -7.33
C ILE A 15 20.52 -1.14 -8.02
N ILE A 16 20.88 0.13 -8.12
CA ILE A 16 22.14 0.54 -8.74
C ILE A 16 23.34 -0.09 -8.02
N ARG A 17 23.27 -0.09 -6.69
CA ARG A 17 24.31 -0.69 -5.87
C ARG A 17 24.37 -2.21 -6.04
N LEU A 18 23.20 -2.84 -6.14
CA LEU A 18 23.12 -4.28 -6.33
C LEU A 18 23.70 -4.69 -7.68
N ASN A 19 23.43 -3.88 -8.70
CA ASN A 19 24.05 -4.09 -10.01
C ASN A 19 25.55 -3.91 -9.92
N LYS A 20 25.97 -2.91 -9.15
CA LYS A 20 27.38 -2.62 -8.94
C LYS A 20 28.09 -3.80 -8.28
N LYS A 21 27.43 -4.38 -7.27
CA LYS A 21 28.02 -5.45 -6.49
C LYS A 21 28.11 -6.77 -7.25
N PHE A 22 27.02 -7.14 -7.94
CA PHE A 22 26.90 -8.47 -8.51
C PHE A 22 26.95 -8.50 -10.04
N GLY A 23 26.89 -7.35 -10.68
CA GLY A 23 26.80 -7.31 -12.13
C GLY A 23 25.46 -7.83 -12.59
N GLN A 24 25.46 -8.63 -13.65
CA GLN A 24 24.22 -9.20 -14.17
C GLN A 24 23.75 -10.39 -13.36
N ALA A 25 24.59 -10.87 -12.45
CA ALA A 25 24.22 -12.00 -11.59
C ALA A 25 22.97 -11.67 -10.77
N PHE A 26 22.77 -10.39 -10.49
CA PHE A 26 21.58 -9.93 -9.80
C PHE A 26 20.36 -10.02 -10.71
N ALA A 27 20.47 -9.45 -11.91
CA ALA A 27 19.39 -9.49 -12.88
C ALA A 27 19.06 -10.94 -13.26
N GLY A 28 20.10 -11.76 -13.41
CA GLY A 28 19.91 -13.16 -13.76
C GLY A 28 19.16 -13.91 -12.69
N ARG A 29 19.24 -13.42 -11.45
CA ARG A 29 18.59 -14.07 -10.31
C ARG A 29 17.13 -13.68 -10.18
N ILE A 30 16.83 -12.40 -10.43
CA ILE A 30 15.49 -11.85 -10.18
C ILE A 30 14.54 -12.01 -11.37
N LEU A 31 15.10 -12.02 -12.58
CA LEU A 31 14.28 -12.01 -13.78
C LEU A 31 13.95 -13.42 -14.27
N THR A 32 12.76 -13.57 -14.83
CA THR A 32 12.36 -14.82 -15.47
C THR A 32 13.17 -15.00 -16.75
N PRO A 33 13.14 -16.20 -17.34
CA PRO A 33 13.80 -16.38 -18.64
C PRO A 33 13.30 -15.40 -19.69
N GLU A 34 11.99 -15.17 -19.73
CA GLU A 34 11.40 -14.25 -20.69
C GLU A 34 11.90 -12.83 -20.49
N GLU A 35 11.87 -12.38 -19.24
CA GLU A 35 12.33 -11.03 -18.90
C GLU A 35 13.82 -10.87 -19.19
N LEU A 36 14.58 -11.92 -18.92
CA LEU A 36 16.02 -11.87 -19.10
C LEU A 36 16.40 -11.71 -20.57
N LEU A 37 15.51 -12.19 -21.46
CA LEU A 37 15.74 -12.07 -22.89
C LEU A 37 15.52 -10.65 -23.39
N GLU A 38 14.55 -9.96 -22.80
CA GLU A 38 14.21 -8.60 -23.24
C GLU A 38 14.92 -7.52 -22.43
N PHE A 39 15.55 -7.92 -21.33
CA PHE A 39 16.18 -6.97 -20.41
C PHE A 39 17.26 -6.11 -21.09
N PRO A 40 18.09 -6.71 -21.98
CA PRO A 40 19.13 -5.91 -22.63
C PRO A 40 18.57 -4.75 -23.47
N GLN A 41 17.31 -4.87 -23.90
CA GLN A 41 16.68 -3.83 -24.71
C GLN A 41 15.86 -2.86 -23.87
N ALA A 42 15.89 -3.04 -22.56
CA ALA A 42 15.15 -2.16 -21.65
C ALA A 42 15.68 -0.73 -21.74
N GLY A 43 14.77 0.23 -21.93
CA GLY A 43 15.14 1.62 -21.98
C GLY A 43 15.61 2.13 -20.64
N LYS A 44 14.94 1.66 -19.58
CA LYS A 44 15.29 2.03 -18.21
C LYS A 44 15.62 0.78 -17.39
N PRO A 45 16.86 0.27 -17.53
CA PRO A 45 17.23 -1.00 -16.89
C PRO A 45 17.10 -0.98 -15.36
N VAL A 46 17.43 0.15 -14.73
CA VAL A 46 17.33 0.26 -13.28
C VAL A 46 15.88 0.24 -12.84
N ASN A 47 15.04 1.03 -13.52
CA ASN A 47 13.61 1.05 -13.25
C ASN A 47 12.99 -0.29 -13.58
N TYR A 48 13.47 -0.93 -14.64
CA TYR A 48 12.99 -2.25 -15.04
C TYR A 48 13.19 -3.24 -13.89
N LEU A 49 14.41 -3.29 -13.35
CA LEU A 49 14.73 -4.22 -12.27
C LEU A 49 13.97 -3.89 -10.98
N ALA A 50 13.89 -2.61 -10.66
CA ALA A 50 13.22 -2.15 -9.44
C ALA A 50 11.77 -2.61 -9.40
N LYS A 51 11.08 -2.47 -10.53
CA LYS A 51 9.68 -2.87 -10.63
C LYS A 51 9.52 -4.37 -10.44
N ARG A 52 10.37 -5.13 -11.11
CA ARG A 52 10.32 -6.59 -11.02
C ARG A 52 10.60 -7.03 -9.59
N PHE A 53 11.60 -6.42 -8.97
CA PHE A 53 12.03 -6.81 -7.64
C PHE A 53 10.92 -6.57 -6.61
N ALA A 54 10.26 -5.41 -6.72
CA ALA A 54 9.18 -5.05 -5.80
C ALA A 54 7.93 -5.90 -6.00
N ALA A 55 7.53 -6.04 -7.25
CA ALA A 55 6.31 -6.77 -7.59
C ALA A 55 6.39 -8.25 -7.17
N LYS A 56 7.54 -8.87 -7.44
CA LYS A 56 7.73 -10.29 -7.12
C LYS A 56 7.75 -10.52 -5.62
N GLU A 57 8.41 -9.63 -4.88
CA GLU A 57 8.44 -9.72 -3.43
C GLU A 57 7.03 -9.56 -2.86
N ALA A 58 6.28 -8.61 -3.41
CA ALA A 58 4.91 -8.35 -2.96
C ALA A 58 4.01 -9.53 -3.30
N PHE A 59 4.26 -10.16 -4.44
CA PHE A 59 3.50 -11.34 -4.83
C PHE A 59 3.73 -12.47 -3.84
N ALA A 60 5.00 -12.71 -3.52
CA ALA A 60 5.38 -13.80 -2.64
C ALA A 60 4.75 -13.65 -1.26
N LYS A 61 4.63 -12.41 -0.80
CA LYS A 61 4.00 -12.14 0.49
C LYS A 61 2.49 -12.36 0.41
N ALA A 62 1.90 -11.94 -0.70
CA ALA A 62 0.45 -12.02 -0.87
C ALA A 62 -0.06 -13.47 -0.91
N VAL A 63 0.76 -14.38 -1.43
CA VAL A 63 0.38 -15.79 -1.47
C VAL A 63 0.82 -16.50 -0.19
N GLY A 64 1.48 -15.76 0.70
CA GLY A 64 1.70 -16.20 2.07
C GLY A 64 2.89 -17.10 2.33
N THR A 65 3.74 -17.29 1.32
CA THR A 65 4.83 -18.27 1.41
C THR A 65 6.21 -17.64 1.43
N GLY A 66 6.32 -16.42 0.93
CA GLY A 66 7.62 -15.83 0.65
C GLY A 66 8.21 -16.53 -0.56
N ILE A 67 9.45 -16.20 -0.92
CA ILE A 67 10.10 -16.86 -2.02
C ILE A 67 10.42 -18.29 -1.60
N ARG A 68 9.66 -19.23 -2.14
CA ARG A 68 9.73 -20.61 -1.70
C ARG A 68 9.09 -21.54 -2.73
N GLY A 69 9.76 -22.63 -3.06
CA GLY A 69 9.22 -23.62 -3.98
C GLY A 69 8.91 -23.03 -5.34
N ALA A 70 7.68 -23.22 -5.80
CA ALA A 70 7.25 -22.74 -7.10
C ALA A 70 7.12 -21.22 -7.10
N VAL A 71 6.88 -20.65 -5.92
CA VAL A 71 6.81 -19.21 -5.78
C VAL A 71 8.23 -18.65 -5.79
N SER A 72 8.76 -18.47 -7.00
CA SER A 72 10.14 -18.06 -7.20
C SER A 72 10.23 -16.85 -8.12
N PHE A 73 11.36 -16.15 -8.07
CA PHE A 73 11.59 -15.02 -8.94
C PHE A 73 11.47 -15.39 -10.42
N ARG A 74 11.93 -16.59 -10.77
CA ARG A 74 11.95 -17.02 -12.16
C ARG A 74 10.59 -17.51 -12.66
N ASN A 75 9.66 -17.73 -11.73
CA ASN A 75 8.30 -18.14 -12.09
C ASN A 75 7.31 -16.97 -12.04
N ILE A 76 7.69 -15.90 -11.36
CA ILE A 76 6.85 -14.71 -11.27
C ILE A 76 7.29 -13.67 -12.29
N GLY A 77 6.52 -13.54 -13.37
CA GLY A 77 6.84 -12.60 -14.43
C GLY A 77 5.93 -11.40 -14.43
N ILE A 78 6.47 -10.25 -14.83
CA ILE A 78 5.67 -9.04 -14.98
C ILE A 78 5.61 -8.63 -16.44
N GLY A 79 4.41 -8.65 -16.99
CA GLY A 79 4.16 -8.20 -18.35
C GLY A 79 3.28 -6.97 -18.33
N HIS A 80 2.82 -6.56 -19.51
CA HIS A 80 1.96 -5.39 -19.63
C HIS A 80 0.80 -5.68 -20.58
N ASP A 81 -0.40 -5.25 -20.21
CA ASP A 81 -1.56 -5.40 -21.07
C ASP A 81 -1.47 -4.41 -22.24
N ALA A 82 -2.48 -4.44 -23.11
CA ALA A 82 -2.48 -3.58 -24.29
C ALA A 82 -2.47 -2.11 -23.93
N LEU A 83 -3.04 -1.78 -22.78
CA LEU A 83 -3.15 -0.39 -22.33
C LEU A 83 -1.90 0.05 -21.55
N GLY A 84 -0.94 -0.86 -21.41
CA GLY A 84 0.34 -0.53 -20.78
C GLY A 84 0.37 -0.71 -19.28
N LYS A 85 -0.66 -1.34 -18.72
CA LYS A 85 -0.71 -1.58 -17.28
C LYS A 85 0.03 -2.88 -16.90
N PRO A 86 0.90 -2.81 -15.87
CA PRO A 86 1.63 -4.00 -15.43
C PRO A 86 0.66 -5.10 -14.99
N GLU A 87 1.04 -6.35 -15.24
CA GLU A 87 0.26 -7.51 -14.84
C GLU A 87 1.16 -8.73 -14.70
N PHE A 88 0.74 -9.69 -13.88
CA PHE A 88 1.53 -10.92 -13.69
C PHE A 88 1.32 -12.00 -14.75
N PHE A 89 2.42 -12.66 -15.13
CA PHE A 89 2.34 -13.93 -15.86
C PHE A 89 3.23 -14.93 -15.13
N TYR A 90 2.89 -16.21 -15.25
CA TYR A 90 3.48 -17.24 -14.39
C TYR A 90 4.11 -18.39 -15.16
N GLY A 91 5.21 -18.90 -14.61
CA GLY A 91 5.76 -20.16 -15.08
C GLY A 91 4.74 -21.24 -14.78
N PRO A 92 4.71 -22.31 -15.60
CA PRO A 92 3.67 -23.34 -15.47
C PRO A 92 3.58 -23.98 -14.08
N ALA A 93 4.71 -24.09 -13.38
CA ALA A 93 4.72 -24.68 -12.04
C ALA A 93 3.99 -23.81 -11.04
N LEU A 94 4.09 -22.50 -11.21
CA LEU A 94 3.42 -21.56 -10.33
C LEU A 94 1.94 -21.48 -10.64
N SER A 95 1.60 -21.50 -11.93
CA SER A 95 0.20 -21.53 -12.37
C SER A 95 -0.53 -22.71 -11.75
N LYS A 96 0.12 -23.87 -11.76
CA LYS A 96 -0.46 -25.09 -11.19
C LYS A 96 -0.69 -24.93 -9.69
N TRP A 97 0.30 -24.35 -9.00
CA TRP A 97 0.22 -24.16 -7.55
C TRP A 97 -0.91 -23.22 -7.17
N LEU A 98 -1.06 -22.12 -7.90
CA LEU A 98 -2.12 -21.17 -7.64
C LEU A 98 -3.49 -21.82 -7.77
N GLU A 99 -3.63 -22.69 -8.77
CA GLU A 99 -4.87 -23.43 -8.97
C GLU A 99 -5.14 -24.35 -7.78
N GLU A 100 -4.08 -24.99 -7.29
CA GLU A 100 -4.21 -25.90 -6.16
C GLU A 100 -4.68 -25.16 -4.92
N GLN A 101 -4.17 -23.94 -4.73
CA GLN A 101 -4.51 -23.13 -3.57
C GLN A 101 -5.85 -22.43 -3.74
N GLY A 102 -6.43 -22.52 -4.93
CA GLY A 102 -7.72 -21.92 -5.20
C GLY A 102 -7.65 -20.41 -5.36
N ILE A 103 -6.46 -19.91 -5.70
CA ILE A 103 -6.29 -18.50 -5.99
C ILE A 103 -6.73 -18.23 -7.44
N SER A 104 -7.80 -17.45 -7.60
CA SER A 104 -8.41 -17.23 -8.90
C SER A 104 -7.62 -16.23 -9.73
N ARG A 105 -7.18 -15.15 -9.08
CA ARG A 105 -6.35 -14.15 -9.76
C ARG A 105 -5.58 -13.31 -8.75
N VAL A 106 -4.46 -12.75 -9.21
CA VAL A 106 -3.61 -11.92 -8.38
C VAL A 106 -3.47 -10.53 -9.00
N SER A 107 -4.04 -9.54 -8.33
CA SER A 107 -4.03 -8.16 -8.84
C SER A 107 -2.76 -7.44 -8.45
N LEU A 108 -2.31 -6.55 -9.33
CA LEU A 108 -1.05 -5.83 -9.16
C LEU A 108 -1.24 -4.33 -9.34
N SER A 109 -0.79 -3.56 -8.35
CA SER A 109 -0.78 -2.10 -8.44
C SER A 109 0.62 -1.60 -8.20
N MET A 110 1.10 -0.71 -9.07
CA MET A 110 2.45 -0.19 -8.96
C MET A 110 2.47 1.33 -9.02
N SER A 111 3.38 1.91 -8.24
CA SER A 111 3.55 3.36 -8.18
C SER A 111 5.02 3.69 -8.04
N ASP A 112 5.38 4.92 -8.43
CA ASP A 112 6.75 5.39 -8.29
C ASP A 112 6.78 6.89 -8.08
N GLU A 113 7.64 7.33 -7.18
CA GLU A 113 7.84 8.73 -6.94
C GLU A 113 9.33 8.89 -6.70
N GLU A 114 10.01 9.57 -7.61
CA GLU A 114 11.42 9.76 -7.42
C GLU A 114 12.18 8.43 -7.31
N ASP A 115 12.83 8.25 -6.18
CA ASP A 115 13.68 7.10 -5.89
C ASP A 115 12.90 5.86 -5.48
N THR A 116 11.65 6.08 -5.06
CA THR A 116 10.84 5.00 -4.51
C THR A 116 9.96 4.32 -5.56
N VAL A 117 10.03 3.00 -5.61
CA VAL A 117 9.11 2.19 -6.40
C VAL A 117 8.30 1.32 -5.45
N LEU A 118 6.98 1.33 -5.62
CA LEU A 118 6.08 0.62 -4.72
C LEU A 118 5.19 -0.35 -5.48
N ALA A 119 5.04 -1.55 -4.91
CA ALA A 119 4.14 -2.56 -5.45
C ALA A 119 3.17 -3.00 -4.37
N PHE A 120 1.89 -3.09 -4.73
CA PHE A 120 0.89 -3.68 -3.85
C PHE A 120 0.15 -4.78 -4.60
N VAL A 121 -0.03 -5.92 -3.92
CA VAL A 121 -0.61 -7.09 -4.54
C VAL A 121 -1.71 -7.69 -3.67
N VAL A 122 -2.82 -8.05 -4.30
CA VAL A 122 -3.91 -8.76 -3.66
C VAL A 122 -4.19 -10.08 -4.36
N ALA A 123 -3.97 -11.18 -3.65
CA ALA A 123 -4.33 -12.51 -4.17
C ALA A 123 -5.77 -12.83 -3.80
N GLU A 124 -6.59 -13.11 -4.80
CA GLU A 124 -8.03 -13.27 -4.61
C GLU A 124 -8.47 -14.72 -4.53
N LYS A 125 -9.46 -14.96 -3.68
CA LYS A 125 -10.04 -16.28 -3.46
C LYS A 125 -8.98 -17.31 -3.09
N MET B 1 -16.93 -9.11 1.45
CA MET B 1 -16.95 -7.64 1.20
C MET B 1 -15.89 -6.94 2.05
N ILE B 2 -15.47 -5.76 1.62
CA ILE B 2 -14.44 -5.00 2.33
C ILE B 2 -15.06 -4.05 3.33
N TYR B 3 -14.72 -4.23 4.60
CA TYR B 3 -15.19 -3.33 5.66
C TYR B 3 -14.44 -2.01 5.59
N GLY B 4 -13.15 -2.08 5.30
CA GLY B 4 -12.32 -0.90 5.17
C GLY B 4 -10.89 -1.26 4.88
N ILE B 5 -10.12 -0.29 4.41
CA ILE B 5 -8.70 -0.48 4.12
C ILE B 5 -7.87 0.54 4.87
N GLY B 6 -6.61 0.20 5.11
CA GLY B 6 -5.72 1.06 5.87
C GLY B 6 -4.28 0.96 5.40
N THR B 7 -3.57 2.06 5.49
CA THR B 7 -2.15 2.08 5.19
C THR B 7 -1.44 3.04 6.14
N ASP B 8 -0.14 2.86 6.32
CA ASP B 8 0.64 3.79 7.13
C ASP B 8 2.12 3.68 6.79
N ILE B 9 2.77 4.85 6.71
CA ILE B 9 4.21 4.92 6.51
C ILE B 9 4.86 5.46 7.78
N VAL B 10 5.95 4.80 8.19
CA VAL B 10 6.68 5.20 9.38
C VAL B 10 8.17 5.27 9.09
N SER B 11 8.78 6.38 9.48
CA SER B 11 10.22 6.58 9.36
C SER B 11 10.93 5.96 10.55
N LEU B 12 12.00 5.21 10.28
CA LEU B 12 12.83 4.67 11.35
C LEU B 12 13.35 5.80 12.24
N LYS B 13 13.67 6.93 11.62
CA LYS B 13 14.17 8.09 12.34
C LYS B 13 13.15 8.58 13.37
N ARG B 14 11.87 8.54 13.01
CA ARG B 14 10.81 8.96 13.92
C ARG B 14 10.75 8.04 15.14
N ILE B 15 10.88 6.75 14.92
CA ILE B 15 10.92 5.77 16.00
C ILE B 15 12.14 5.98 16.89
N ILE B 16 13.29 6.22 16.28
CA ILE B 16 14.52 6.47 17.02
C ILE B 16 14.36 7.68 17.94
N ARG B 17 13.74 8.74 17.42
CA ARG B 17 13.55 9.95 18.21
C ARG B 17 12.56 9.71 19.35
N LEU B 18 11.50 8.96 19.06
CA LEU B 18 10.52 8.61 20.09
C LEU B 18 11.16 7.76 21.19
N ASN B 19 12.02 6.84 20.77
CA ASN B 19 12.72 5.97 21.71
C ASN B 19 13.68 6.77 22.61
N LYS B 20 14.36 7.75 22.02
CA LYS B 20 15.26 8.61 22.79
C LYS B 20 14.46 9.44 23.79
N LYS B 21 13.32 9.93 23.34
CA LYS B 21 12.48 10.82 24.14
C LYS B 21 11.92 10.13 25.38
N PHE B 22 11.36 8.94 25.18
CA PHE B 22 10.60 8.27 26.23
C PHE B 22 11.34 7.12 26.91
N GLY B 23 12.49 6.74 26.37
CA GLY B 23 13.23 5.60 26.88
C GLY B 23 12.47 4.29 26.69
N GLN B 24 12.63 3.37 27.62
CA GLN B 24 11.99 2.06 27.51
C GLN B 24 10.47 2.18 27.46
N ALA B 25 9.94 3.21 28.10
CA ALA B 25 8.49 3.39 28.19
C ALA B 25 7.79 3.44 26.83
N PHE B 26 8.51 3.79 25.78
CA PHE B 26 7.92 3.84 24.45
C PHE B 26 7.53 2.44 23.99
N ALA B 27 8.49 1.51 24.01
CA ALA B 27 8.23 0.15 23.57
C ALA B 27 7.11 -0.47 24.40
N GLY B 28 7.15 -0.23 25.71
CA GLY B 28 6.13 -0.72 26.61
C GLY B 28 4.76 -0.16 26.31
N ARG B 29 4.73 1.02 25.69
CA ARG B 29 3.46 1.68 25.37
C ARG B 29 2.90 1.17 24.05
N ILE B 30 3.79 0.87 23.10
CA ILE B 30 3.40 0.49 21.74
C ILE B 30 3.15 -1.01 21.59
N LEU B 31 3.92 -1.82 22.31
CA LEU B 31 3.87 -3.27 22.11
C LEU B 31 2.93 -4.00 23.05
N THR B 32 2.33 -5.07 22.54
CA THR B 32 1.54 -5.98 23.38
C THR B 32 2.50 -6.75 24.27
N PRO B 33 1.98 -7.40 25.33
CA PRO B 33 2.84 -8.20 26.21
C PRO B 33 3.63 -9.28 25.47
N GLU B 34 3.02 -9.91 24.48
CA GLU B 34 3.70 -10.93 23.68
C GLU B 34 4.81 -10.31 22.83
N GLU B 35 4.49 -9.20 22.17
CA GLU B 35 5.47 -8.48 21.35
C GLU B 35 6.64 -8.00 22.20
N LEU B 36 6.33 -7.51 23.39
CA LEU B 36 7.34 -6.98 24.28
C LEU B 36 8.24 -8.08 24.82
N LEU B 37 7.67 -9.26 25.03
CA LEU B 37 8.42 -10.40 25.52
C LEU B 37 9.46 -10.86 24.50
N GLU B 38 9.11 -10.77 23.22
CA GLU B 38 9.99 -11.24 22.15
C GLU B 38 10.87 -10.12 21.58
N PHE B 39 10.62 -8.89 22.04
CA PHE B 39 11.35 -7.72 21.57
C PHE B 39 12.86 -7.83 21.76
N PRO B 40 13.31 -8.37 22.90
CA PRO B 40 14.76 -8.50 23.11
C PRO B 40 15.48 -9.42 22.13
N GLN B 41 14.74 -10.31 21.46
CA GLN B 41 15.33 -11.23 20.49
C GLN B 41 15.26 -10.70 19.06
N ALA B 42 14.71 -9.49 18.90
CA ALA B 42 14.63 -8.87 17.58
C ALA B 42 16.02 -8.66 16.99
N GLY B 43 16.18 -9.05 15.73
CA GLY B 43 17.42 -8.81 15.02
C GLY B 43 17.67 -7.33 14.81
N LYS B 44 16.60 -6.60 14.48
CA LYS B 44 16.68 -5.15 14.31
C LYS B 44 15.57 -4.51 15.15
N PRO B 45 15.88 -4.18 16.42
CA PRO B 45 14.90 -3.63 17.37
C PRO B 45 14.14 -2.42 16.84
N VAL B 46 14.83 -1.50 16.18
CA VAL B 46 14.18 -0.30 15.65
C VAL B 46 13.14 -0.66 14.58
N ASN B 47 13.53 -1.51 13.65
CA ASN B 47 12.61 -2.01 12.62
C ASN B 47 11.46 -2.80 13.22
N TYR B 48 11.76 -3.58 14.25
CA TYR B 48 10.75 -4.35 14.96
C TYR B 48 9.65 -3.43 15.48
N LEU B 49 10.04 -2.34 16.12
CA LEU B 49 9.06 -1.37 16.64
C LEU B 49 8.37 -0.61 15.52
N ALA B 50 9.14 -0.20 14.51
CA ALA B 50 8.60 0.58 13.39
C ALA B 50 7.50 -0.17 12.66
N LYS B 51 7.75 -1.46 12.42
CA LYS B 51 6.78 -2.33 11.76
C LYS B 51 5.48 -2.44 12.56
N ARG B 52 5.60 -2.69 13.85
CA ARG B 52 4.44 -2.82 14.72
C ARG B 52 3.65 -1.51 14.74
N PHE B 53 4.37 -0.39 14.85
CA PHE B 53 3.75 0.93 14.92
C PHE B 53 2.90 1.19 13.67
N ALA B 54 3.49 0.94 12.51
CA ALA B 54 2.80 1.14 11.23
C ALA B 54 1.60 0.19 11.11
N ALA B 55 1.80 -1.07 11.46
CA ALA B 55 0.76 -2.07 11.32
C ALA B 55 -0.46 -1.74 12.18
N LYS B 56 -0.21 -1.24 13.39
CA LYS B 56 -1.29 -0.94 14.32
C LYS B 56 -2.05 0.30 13.87
N GLU B 57 -1.33 1.27 13.32
CA GLU B 57 -1.96 2.47 12.76
C GLU B 57 -2.80 2.13 11.53
N ALA B 58 -2.27 1.26 10.68
CA ALA B 58 -2.96 0.84 9.46
C ALA B 58 -4.20 0.02 9.81
N PHE B 59 -4.07 -0.84 10.82
CA PHE B 59 -5.19 -1.61 11.32
C PHE B 59 -6.31 -0.67 11.77
N ALA B 60 -5.93 0.30 12.59
CA ALA B 60 -6.88 1.24 13.17
C ALA B 60 -7.63 2.02 12.10
N LYS B 61 -6.95 2.33 11.00
CA LYS B 61 -7.58 3.02 9.88
C LYS B 61 -8.56 2.09 9.17
N ALA B 62 -8.14 0.84 8.97
CA ALA B 62 -8.94 -0.12 8.24
C ALA B 62 -10.27 -0.41 8.94
N VAL B 63 -10.25 -0.43 10.28
CA VAL B 63 -11.48 -0.67 11.04
C VAL B 63 -12.26 0.63 11.25
N GLY B 64 -11.70 1.73 10.75
CA GLY B 64 -12.45 2.95 10.57
C GLY B 64 -12.48 3.92 11.74
N THR B 65 -11.82 3.57 12.84
CA THR B 65 -11.93 4.34 14.08
C THR B 65 -10.65 5.10 14.45
N GLY B 66 -9.52 4.65 13.93
CA GLY B 66 -8.24 5.14 14.41
C GLY B 66 -7.98 4.56 15.79
N ILE B 67 -6.81 4.85 16.36
CA ILE B 67 -6.49 4.34 17.68
C ILE B 67 -7.43 4.95 18.71
N ARG B 68 -8.37 4.14 19.17
CA ARG B 68 -9.46 4.62 20.00
C ARG B 68 -10.17 3.44 20.65
N GLY B 69 -10.41 3.53 21.95
CA GLY B 69 -11.11 2.48 22.68
C GLY B 69 -10.36 1.16 22.63
N ALA B 70 -11.08 0.09 22.28
CA ALA B 70 -10.50 -1.25 22.23
C ALA B 70 -9.49 -1.38 21.08
N VAL B 71 -9.62 -0.51 20.08
CA VAL B 71 -8.66 -0.46 19.00
C VAL B 71 -7.43 0.30 19.49
N SER B 72 -6.58 -0.41 20.22
CA SER B 72 -5.45 0.19 20.93
C SER B 72 -4.14 -0.54 20.61
N PHE B 73 -3.03 0.13 20.86
CA PHE B 73 -1.71 -0.47 20.67
C PHE B 73 -1.56 -1.77 21.46
N ARG B 74 -2.03 -1.76 22.70
CA ARG B 74 -1.92 -2.92 23.58
C ARG B 74 -2.72 -4.12 23.08
N ASN B 75 -3.82 -3.85 22.38
CA ASN B 75 -4.73 -4.90 21.95
C ASN B 75 -4.41 -5.45 20.56
N ILE B 76 -3.70 -4.66 19.76
CA ILE B 76 -3.38 -5.04 18.39
C ILE B 76 -1.97 -5.63 18.31
N GLY B 77 -1.90 -6.96 18.25
CA GLY B 77 -0.62 -7.65 18.20
C GLY B 77 -0.31 -8.17 16.81
N ILE B 78 0.97 -8.19 16.46
CA ILE B 78 1.43 -8.75 15.20
C ILE B 78 2.35 -9.93 15.45
N GLY B 79 2.00 -11.08 14.87
CA GLY B 79 2.81 -12.27 14.93
C GLY B 79 3.10 -12.77 13.53
N HIS B 80 4.00 -13.75 13.42
CA HIS B 80 4.35 -14.35 12.13
C HIS B 80 4.21 -15.86 12.20
N ASP B 81 3.63 -16.44 11.14
CA ASP B 81 3.40 -17.88 11.06
C ASP B 81 4.67 -18.60 10.65
N ALA B 82 4.56 -19.92 10.49
CA ALA B 82 5.72 -20.76 10.19
C ALA B 82 6.46 -20.30 8.94
N LEU B 83 5.71 -19.84 7.94
CA LEU B 83 6.29 -19.43 6.67
C LEU B 83 6.64 -17.94 6.63
N GLY B 84 6.46 -17.27 7.77
CA GLY B 84 6.85 -15.88 7.89
C GLY B 84 5.78 -14.89 7.49
N LYS B 85 4.54 -15.36 7.43
CA LYS B 85 3.42 -14.49 7.07
C LYS B 85 2.95 -13.71 8.29
N PRO B 86 2.91 -12.37 8.20
CA PRO B 86 2.41 -11.59 9.34
C PRO B 86 0.91 -11.72 9.54
N GLU B 87 0.47 -11.77 10.78
CA GLU B 87 -0.95 -11.87 11.10
C GLU B 87 -1.27 -11.11 12.39
N PHE B 88 -2.52 -10.66 12.52
CA PHE B 88 -2.96 -9.96 13.72
C PHE B 88 -3.47 -10.91 14.79
N PHE B 89 -3.10 -10.61 16.04
CA PHE B 89 -3.63 -11.32 17.21
C PHE B 89 -4.16 -10.29 18.19
N TYR B 90 -5.31 -10.59 18.81
CA TYR B 90 -6.08 -9.57 19.50
C TYR B 90 -6.25 -9.82 20.99
N GLY B 91 -6.15 -8.76 21.77
CA GLY B 91 -6.60 -8.80 23.16
C GLY B 91 -8.11 -9.02 23.15
N PRO B 92 -8.65 -9.63 24.23
CA PRO B 92 -10.05 -10.06 24.24
C PRO B 92 -11.04 -8.91 24.03
N ALA B 93 -10.69 -7.70 24.47
CA ALA B 93 -11.56 -6.54 24.27
C ALA B 93 -11.73 -6.24 22.78
N LEU B 94 -10.65 -6.39 22.02
CA LEU B 94 -10.67 -6.05 20.59
C LEU B 94 -11.37 -7.11 19.76
N SER B 95 -11.10 -8.38 20.05
CA SER B 95 -11.75 -9.46 19.32
C SER B 95 -13.27 -9.41 19.54
N LYS B 96 -13.67 -9.02 20.75
CA LYS B 96 -15.08 -8.81 21.06
C LYS B 96 -15.65 -7.68 20.19
N TRP B 97 -14.91 -6.58 20.09
CA TRP B 97 -15.37 -5.44 19.31
C TRP B 97 -15.48 -5.78 17.83
N LEU B 98 -14.50 -6.52 17.30
CA LEU B 98 -14.49 -6.88 15.89
C LEU B 98 -15.71 -7.72 15.51
N GLU B 99 -16.05 -8.69 16.36
CA GLU B 99 -17.20 -9.56 16.10
C GLU B 99 -18.49 -8.74 16.10
N GLU B 100 -18.55 -7.73 16.94
CA GLU B 100 -19.73 -6.87 17.04
C GLU B 100 -19.92 -6.02 15.78
N GLN B 101 -18.83 -5.68 15.11
CA GLN B 101 -18.90 -4.92 13.86
C GLN B 101 -19.08 -5.83 12.66
N GLY B 102 -18.98 -7.14 12.90
CA GLY B 102 -19.10 -8.11 11.82
C GLY B 102 -17.82 -8.22 11.00
N ILE B 103 -16.72 -7.71 11.54
CA ILE B 103 -15.42 -7.83 10.89
C ILE B 103 -14.91 -9.25 11.10
N SER B 104 -14.89 -10.03 10.02
CA SER B 104 -14.55 -11.44 10.10
C SER B 104 -13.04 -11.66 10.07
N ARG B 105 -12.35 -10.91 9.22
CA ARG B 105 -10.92 -11.10 9.03
C ARG B 105 -10.20 -9.80 8.70
N VAL B 106 -8.93 -9.71 9.09
CA VAL B 106 -8.11 -8.54 8.81
C VAL B 106 -6.74 -8.99 8.30
N SER B 107 -6.46 -8.70 7.04
CA SER B 107 -5.21 -9.10 6.41
C SER B 107 -4.14 -8.01 6.57
N LEU B 108 -2.88 -8.44 6.59
CA LEU B 108 -1.77 -7.52 6.82
C LEU B 108 -0.58 -7.83 5.91
N SER B 109 0.05 -6.78 5.42
CA SER B 109 1.36 -6.90 4.81
C SER B 109 2.25 -5.76 5.26
N MET B 110 3.52 -6.07 5.46
CA MET B 110 4.51 -5.09 5.87
C MET B 110 5.73 -5.18 4.97
N SER B 111 6.38 -4.05 4.75
CA SER B 111 7.64 -4.02 4.04
C SER B 111 8.48 -2.84 4.51
N ASP B 112 9.75 -2.85 4.14
CA ASP B 112 10.66 -1.79 4.52
C ASP B 112 11.75 -1.61 3.47
N GLU B 113 12.19 -0.37 3.30
CA GLU B 113 13.29 -0.05 2.41
C GLU B 113 14.06 1.04 3.11
N GLU B 114 15.19 0.69 3.70
CA GLU B 114 16.01 1.66 4.41
C GLU B 114 15.17 2.35 5.50
N ASP B 115 15.11 3.67 5.47
CA ASP B 115 14.37 4.44 6.48
C ASP B 115 12.86 4.32 6.45
N THR B 116 12.29 3.85 5.34
CA THR B 116 10.84 3.80 5.21
C THR B 116 10.28 2.43 5.57
N VAL B 117 9.30 2.44 6.47
CA VAL B 117 8.55 1.23 6.81
C VAL B 117 7.10 1.45 6.41
N LEU B 118 6.48 0.40 5.86
CA LEU B 118 5.16 0.50 5.26
C LEU B 118 4.27 -0.67 5.68
N ALA B 119 3.00 -0.38 5.98
CA ALA B 119 2.02 -1.42 6.27
C ALA B 119 0.76 -1.23 5.44
N PHE B 120 0.21 -2.34 4.96
CA PHE B 120 -1.08 -2.36 4.27
C PHE B 120 -2.02 -3.29 5.00
N VAL B 121 -3.24 -2.84 5.25
CA VAL B 121 -4.24 -3.65 5.93
C VAL B 121 -5.58 -3.61 5.19
N VAL B 122 -6.23 -4.77 5.10
CA VAL B 122 -7.58 -4.86 4.56
C VAL B 122 -8.47 -5.63 5.52
N ALA B 123 -9.54 -4.98 5.98
CA ALA B 123 -10.52 -5.62 6.86
C ALA B 123 -11.72 -6.08 6.04
N GLU B 124 -12.08 -7.35 6.20
CA GLU B 124 -13.15 -7.96 5.42
C GLU B 124 -14.44 -8.11 6.23
N LYS B 125 -15.55 -8.15 5.50
CA LYS B 125 -16.89 -8.32 6.05
C LYS B 125 -17.31 -7.18 6.93
N MET C 1 -16.34 -8.88 -5.46
CA MET C 1 -14.93 -9.07 -5.93
C MET C 1 -14.21 -7.73 -6.01
N ILE C 2 -12.93 -7.79 -6.35
CA ILE C 2 -12.12 -6.59 -6.58
C ILE C 2 -12.22 -6.17 -8.04
N TYR C 3 -12.82 -5.01 -8.31
CA TYR C 3 -12.85 -4.48 -9.67
C TYR C 3 -11.46 -4.03 -10.07
N GLY C 4 -10.75 -3.44 -9.12
CA GLY C 4 -9.40 -2.98 -9.35
C GLY C 4 -8.79 -2.38 -8.09
N ILE C 5 -7.46 -2.27 -8.08
CA ILE C 5 -6.74 -1.65 -6.99
C ILE C 5 -5.85 -0.54 -7.54
N GLY C 6 -5.56 0.44 -6.69
CA GLY C 6 -4.77 1.57 -7.11
C GLY C 6 -3.94 2.15 -5.98
N THR C 7 -2.76 2.67 -6.34
CA THR C 7 -1.91 3.37 -5.40
C THR C 7 -1.25 4.55 -6.11
N ASP C 8 -0.81 5.52 -5.32
CA ASP C 8 -0.06 6.65 -5.87
C ASP C 8 0.80 7.27 -4.79
N ILE C 9 2.01 7.67 -5.19
CA ILE C 9 2.94 8.35 -4.30
C ILE C 9 3.08 9.80 -4.78
N VAL C 10 3.06 10.73 -3.83
CA VAL C 10 3.23 12.14 -4.14
C VAL C 10 4.24 12.79 -3.21
N SER C 11 5.23 13.46 -3.80
CA SER C 11 6.21 14.22 -3.04
C SER C 11 5.69 15.61 -2.74
N LEU C 12 5.80 16.03 -1.48
CA LEU C 12 5.38 17.37 -1.08
C LEU C 12 6.12 18.42 -1.89
N LYS C 13 7.41 18.17 -2.13
CA LYS C 13 8.23 19.11 -2.87
C LYS C 13 7.80 19.24 -4.32
N ARG C 14 7.24 18.17 -4.88
CA ARG C 14 6.72 18.20 -6.24
C ARG C 14 5.46 19.07 -6.30
N ILE C 15 4.66 19.01 -5.24
CA ILE C 15 3.47 19.86 -5.13
C ILE C 15 3.87 21.33 -5.01
N ILE C 16 4.94 21.58 -4.26
CA ILE C 16 5.46 22.93 -4.10
C ILE C 16 5.93 23.48 -5.45
N ARG C 17 6.61 22.64 -6.23
CA ARG C 17 7.07 23.03 -7.56
C ARG C 17 5.89 23.33 -8.48
N LEU C 18 4.84 22.51 -8.37
CA LEU C 18 3.65 22.68 -9.20
C LEU C 18 2.88 23.94 -8.80
N ASN C 19 2.86 24.24 -7.51
CA ASN C 19 2.18 25.44 -7.02
C ASN C 19 2.84 26.71 -7.57
N LYS C 20 4.17 26.76 -7.54
CA LYS C 20 4.90 27.91 -8.08
C LYS C 20 4.70 28.03 -9.58
N LYS C 21 4.63 26.89 -10.26
CA LYS C 21 4.59 26.85 -11.71
C LYS C 21 3.26 27.35 -12.26
N PHE C 22 2.17 26.76 -11.77
CA PHE C 22 0.81 27.10 -12.20
C PHE C 22 0.10 28.12 -11.31
N GLY C 23 0.70 28.47 -10.18
CA GLY C 23 0.11 29.42 -9.25
C GLY C 23 -1.19 28.89 -8.65
N GLN C 24 -2.21 29.75 -8.64
CA GLN C 24 -3.53 29.37 -8.15
C GLN C 24 -4.14 28.24 -8.97
N ALA C 25 -3.76 28.18 -10.24
CA ALA C 25 -4.45 27.34 -11.23
C ALA C 25 -4.38 25.85 -10.92
N PHE C 26 -3.27 25.39 -10.34
CA PHE C 26 -3.09 23.96 -10.09
C PHE C 26 -4.15 23.44 -9.13
N ALA C 27 -4.27 24.07 -7.96
CA ALA C 27 -5.25 23.66 -6.96
C ALA C 27 -6.66 23.75 -7.52
N GLY C 28 -6.92 24.82 -8.27
CA GLY C 28 -8.22 25.01 -8.91
C GLY C 28 -8.50 23.94 -9.94
N ARG C 29 -7.44 23.31 -10.44
CA ARG C 29 -7.56 22.26 -11.45
C ARG C 29 -7.73 20.89 -10.80
N ILE C 30 -7.08 20.70 -9.65
CA ILE C 30 -7.10 19.43 -8.94
C ILE C 30 -8.29 19.30 -7.99
N LEU C 31 -8.61 20.39 -7.29
CA LEU C 31 -9.63 20.35 -6.25
C LEU C 31 -11.04 20.57 -6.80
N THR C 32 -12.01 19.89 -6.17
CA THR C 32 -13.41 20.11 -6.47
C THR C 32 -13.87 21.42 -5.85
N PRO C 33 -15.04 21.93 -6.26
CA PRO C 33 -15.58 23.14 -5.64
C PRO C 33 -15.76 22.98 -4.13
N GLU C 34 -16.19 21.80 -3.71
CA GLU C 34 -16.40 21.51 -2.30
C GLU C 34 -15.08 21.59 -1.54
N GLU C 35 -14.05 20.98 -2.10
CA GLU C 35 -12.72 20.98 -1.50
C GLU C 35 -12.10 22.38 -1.48
N LEU C 36 -12.43 23.18 -2.50
CA LEU C 36 -11.86 24.51 -2.64
C LEU C 36 -12.37 25.49 -1.58
N LEU C 37 -13.48 25.15 -0.94
CA LEU C 37 -14.06 26.03 0.08
C LEU C 37 -13.20 26.09 1.34
N GLU C 38 -12.61 24.95 1.71
CA GLU C 38 -11.86 24.85 2.95
C GLU C 38 -10.35 24.97 2.73
N PHE C 39 -9.91 24.93 1.48
CA PHE C 39 -8.49 24.96 1.16
C PHE C 39 -7.76 26.23 1.66
N PRO C 40 -8.41 27.40 1.55
CA PRO C 40 -7.74 28.62 2.03
C PRO C 40 -7.41 28.61 3.52
N GLN C 41 -8.17 27.85 4.31
CA GLN C 41 -7.94 27.76 5.75
C GLN C 41 -7.12 26.53 6.13
N ALA C 42 -6.66 25.77 5.15
CA ALA C 42 -5.89 24.56 5.41
C ALA C 42 -4.59 24.89 6.15
N GLY C 43 -4.41 24.28 7.32
CA GLY C 43 -3.25 24.54 8.14
C GLY C 43 -1.95 24.14 7.46
N LYS C 44 -1.99 23.03 6.74
CA LYS C 44 -0.87 22.54 5.95
C LYS C 44 -1.31 22.36 4.50
N PRO C 45 -1.39 23.46 3.73
CA PRO C 45 -1.96 23.44 2.39
C PRO C 45 -1.23 22.53 1.40
N VAL C 46 0.06 22.32 1.61
CA VAL C 46 0.84 21.45 0.74
C VAL C 46 0.36 20.01 0.92
N ASN C 47 0.24 19.58 2.17
CA ASN C 47 -0.28 18.26 2.49
C ASN C 47 -1.69 18.07 1.96
N TYR C 48 -2.51 19.10 2.10
CA TYR C 48 -3.90 19.07 1.64
C TYR C 48 -3.98 18.72 0.16
N LEU C 49 -3.23 19.45 -0.66
CA LEU C 49 -3.20 19.19 -2.10
C LEU C 49 -2.60 17.83 -2.41
N ALA C 50 -1.53 17.49 -1.71
CA ALA C 50 -0.83 16.22 -1.95
C ALA C 50 -1.76 15.03 -1.72
N LYS C 51 -2.49 15.07 -0.61
CA LYS C 51 -3.46 14.04 -0.26
C LYS C 51 -4.50 13.86 -1.36
N ARG C 52 -5.06 14.96 -1.83
CA ARG C 52 -6.08 14.92 -2.88
C ARG C 52 -5.48 14.41 -4.18
N PHE C 53 -4.28 14.86 -4.51
CA PHE C 53 -3.63 14.50 -5.76
C PHE C 53 -3.35 13.00 -5.82
N ALA C 54 -2.82 12.46 -4.72
CA ALA C 54 -2.48 11.03 -4.65
C ALA C 54 -3.75 10.18 -4.70
N ALA C 55 -4.76 10.58 -3.95
CA ALA C 55 -6.00 9.82 -3.85
C ALA C 55 -6.74 9.73 -5.18
N LYS C 56 -6.78 10.86 -5.90
CA LYS C 56 -7.50 10.91 -7.16
C LYS C 56 -6.79 10.11 -8.25
N GLU C 57 -5.47 10.18 -8.26
CA GLU C 57 -4.67 9.40 -9.20
C GLU C 57 -4.81 7.90 -8.90
N ALA C 58 -4.75 7.57 -7.62
CA ALA C 58 -4.94 6.18 -7.19
C ALA C 58 -6.34 5.71 -7.56
N PHE C 59 -7.32 6.59 -7.40
CA PHE C 59 -8.69 6.29 -7.78
C PHE C 59 -8.75 5.95 -9.26
N ALA C 60 -8.12 6.80 -10.07
CA ALA C 60 -8.14 6.65 -11.53
C ALA C 60 -7.53 5.32 -11.97
N LYS C 61 -6.49 4.89 -11.28
CA LYS C 61 -5.85 3.61 -11.58
C LYS C 61 -6.77 2.45 -11.22
N ALA C 62 -7.39 2.55 -10.05
CA ALA C 62 -8.23 1.47 -9.54
C ALA C 62 -9.46 1.25 -10.41
N VAL C 63 -9.97 2.33 -11.00
CA VAL C 63 -11.12 2.24 -11.90
C VAL C 63 -10.65 1.86 -13.31
N GLY C 64 -9.35 1.93 -13.54
CA GLY C 64 -8.75 1.34 -14.72
C GLY C 64 -8.74 2.19 -15.98
N THR C 65 -9.10 3.47 -15.86
CA THR C 65 -9.24 4.33 -17.03
C THR C 65 -8.24 5.50 -17.04
N GLY C 66 -7.74 5.87 -15.86
CA GLY C 66 -6.92 7.06 -15.73
C GLY C 66 -7.82 8.29 -15.69
N ILE C 67 -7.21 9.46 -15.52
CA ILE C 67 -7.98 10.70 -15.48
C ILE C 67 -8.52 11.03 -16.87
N ARG C 68 -9.70 10.52 -17.19
CA ARG C 68 -10.29 10.69 -18.50
C ARG C 68 -11.82 10.70 -18.44
N GLY C 69 -12.42 11.60 -19.21
CA GLY C 69 -13.87 11.69 -19.29
C GLY C 69 -14.49 12.06 -17.95
N ALA C 70 -15.37 11.18 -17.47
CA ALA C 70 -16.04 11.41 -16.20
C ALA C 70 -15.04 11.31 -15.05
N VAL C 71 -14.06 10.42 -15.18
CA VAL C 71 -13.00 10.30 -14.18
C VAL C 71 -12.07 11.50 -14.29
N SER C 72 -12.48 12.60 -13.67
CA SER C 72 -11.69 13.82 -13.66
C SER C 72 -11.50 14.31 -12.23
N PHE C 73 -10.45 15.09 -12.00
CA PHE C 73 -10.11 15.58 -10.67
C PHE C 73 -11.27 16.35 -10.04
N ARG C 74 -11.95 17.16 -10.85
CA ARG C 74 -13.04 17.99 -10.33
C ARG C 74 -14.28 17.18 -9.99
N ASN C 75 -14.32 15.93 -10.44
CA ASN C 75 -15.45 15.06 -10.16
C ASN C 75 -15.19 14.15 -8.96
N ILE C 76 -13.91 13.89 -8.67
CA ILE C 76 -13.53 13.03 -7.56
C ILE C 76 -13.25 13.89 -6.32
N GLY C 77 -14.09 13.77 -5.30
CA GLY C 77 -13.94 14.53 -4.08
C GLY C 77 -13.58 13.66 -2.89
N ILE C 78 -12.68 14.17 -2.05
CA ILE C 78 -12.31 13.49 -0.81
C ILE C 78 -12.99 14.17 0.37
N GLY C 79 -13.82 13.41 1.08
CA GLY C 79 -14.48 13.91 2.28
C GLY C 79 -14.18 12.98 3.44
N HIS C 80 -14.78 13.25 4.60
CA HIS C 80 -14.58 12.42 5.79
C HIS C 80 -15.91 12.06 6.42
N ASP C 81 -16.04 10.82 6.90
CA ASP C 81 -17.26 10.40 7.57
C ASP C 81 -17.28 10.89 9.02
N ALA C 82 -18.28 10.42 9.78
CA ALA C 82 -18.49 10.88 11.14
C ALA C 82 -17.28 10.67 12.06
N LEU C 83 -16.56 9.56 11.85
CA LEU C 83 -15.41 9.25 12.69
C LEU C 83 -14.10 9.78 12.11
N GLY C 84 -14.21 10.54 11.04
CA GLY C 84 -13.03 11.09 10.40
C GLY C 84 -12.34 10.21 9.37
N LYS C 85 -12.94 9.09 9.02
CA LYS C 85 -12.35 8.22 8.01
C LYS C 85 -12.57 8.89 6.67
N PRO C 86 -11.55 8.95 5.82
CA PRO C 86 -11.71 9.61 4.52
C PRO C 86 -12.57 8.78 3.57
N GLU C 87 -13.40 9.45 2.77
CA GLU C 87 -14.27 8.79 1.82
C GLU C 87 -14.32 9.58 0.51
N PHE C 88 -14.58 8.86 -0.58
CA PHE C 88 -14.76 9.51 -1.88
C PHE C 88 -16.19 10.01 -2.04
N PHE C 89 -16.31 11.22 -2.61
CA PHE C 89 -17.59 11.75 -3.04
C PHE C 89 -17.45 12.14 -4.50
N TYR C 90 -18.50 11.86 -5.29
CA TYR C 90 -18.40 11.95 -6.74
C TYR C 90 -19.33 13.02 -7.34
N GLY C 91 -18.87 13.60 -8.42
CA GLY C 91 -19.63 14.55 -9.19
C GLY C 91 -20.70 13.72 -9.87
N PRO C 92 -21.83 14.40 -10.30
CA PRO C 92 -22.86 13.54 -10.91
C PRO C 92 -22.40 12.78 -12.14
N ALA C 93 -21.59 13.38 -13.01
CA ALA C 93 -21.15 12.67 -14.20
C ALA C 93 -20.33 11.47 -13.79
N LEU C 94 -19.41 11.69 -12.87
CA LEU C 94 -18.59 10.61 -12.35
C LEU C 94 -19.32 9.69 -11.40
N SER C 95 -20.35 10.15 -10.71
CA SER C 95 -21.04 9.22 -9.84
C SER C 95 -21.76 8.14 -10.64
N LYS C 96 -22.41 8.57 -11.72
CA LYS C 96 -23.17 7.70 -12.62
C LYS C 96 -22.30 6.77 -13.46
N TRP C 97 -21.15 7.29 -13.90
CA TRP C 97 -20.29 6.55 -14.78
C TRP C 97 -19.93 5.24 -14.14
N LEU C 98 -19.70 5.22 -12.83
CA LEU C 98 -19.35 3.98 -12.17
C LEU C 98 -20.42 2.87 -12.28
N GLU C 99 -21.69 3.20 -12.05
CA GLU C 99 -22.78 2.21 -12.09
C GLU C 99 -22.74 1.42 -13.38
N GLU C 100 -22.45 2.12 -14.46
CA GLU C 100 -22.45 1.53 -15.78
C GLU C 100 -21.47 0.36 -15.86
N GLN C 101 -20.32 0.48 -15.21
CA GLN C 101 -19.32 -0.60 -15.25
C GLN C 101 -19.42 -1.52 -14.03
N GLY C 102 -20.46 -1.35 -13.22
CA GLY C 102 -20.72 -2.25 -12.11
C GLY C 102 -19.87 -2.01 -10.88
N ILE C 103 -19.09 -0.93 -10.89
CA ILE C 103 -18.28 -0.56 -9.72
C ILE C 103 -19.21 -0.08 -8.61
N SER C 104 -19.30 -0.86 -7.53
CA SER C 104 -20.24 -0.58 -6.45
C SER C 104 -19.67 0.41 -5.44
N ARG C 105 -18.44 0.17 -5.02
CA ARG C 105 -17.82 1.01 -4.02
C ARG C 105 -16.31 1.13 -4.15
N VAL C 106 -15.77 2.26 -3.73
CA VAL C 106 -14.34 2.52 -3.77
C VAL C 106 -13.85 2.97 -2.40
N SER C 107 -13.02 2.14 -1.77
CA SER C 107 -12.47 2.44 -0.47
C SER C 107 -11.16 3.21 -0.60
N LEU C 108 -10.83 3.99 0.42
CA LEU C 108 -9.65 4.85 0.39
C LEU C 108 -8.91 4.83 1.73
N SER C 109 -7.58 4.80 1.65
CA SER C 109 -6.74 5.05 2.81
C SER C 109 -5.58 5.93 2.39
N MET C 110 -5.21 6.87 3.25
CA MET C 110 -4.13 7.79 2.98
C MET C 110 -3.18 7.86 4.17
N SER C 111 -1.91 8.09 3.87
CA SER C 111 -0.91 8.26 4.91
C SER C 111 0.19 9.19 4.42
N ASP C 112 0.93 9.77 5.36
CA ASP C 112 2.03 10.65 5.02
C ASP C 112 3.15 10.56 6.05
N GLU C 113 4.38 10.63 5.55
CA GLU C 113 5.57 10.68 6.41
C GLU C 113 6.59 11.60 5.76
N GLU C 114 6.81 12.76 6.37
CA GLU C 114 7.74 13.73 5.82
C GLU C 114 7.29 14.14 4.43
N ASP C 115 8.19 14.04 3.45
CA ASP C 115 7.89 14.42 2.07
C ASP C 115 6.98 13.48 1.29
N THR C 116 6.80 12.26 1.77
CA THR C 116 6.03 11.27 1.02
C THR C 116 4.57 11.24 1.44
N VAL C 117 3.68 11.29 0.45
CA VAL C 117 2.25 11.09 0.66
C VAL C 117 1.79 9.87 -0.14
N LEU C 118 1.12 8.94 0.55
CA LEU C 118 0.69 7.69 -0.07
C LEU C 118 -0.84 7.55 -0.03
N ALA C 119 -1.41 7.16 -1.16
CA ALA C 119 -2.83 6.87 -1.24
C ALA C 119 -3.03 5.42 -1.65
N PHE C 120 -3.99 4.77 -0.99
CA PHE C 120 -4.31 3.37 -1.25
C PHE C 120 -5.81 3.25 -1.53
N VAL C 121 -6.14 2.70 -2.70
CA VAL C 121 -7.52 2.63 -3.16
C VAL C 121 -7.90 1.24 -3.67
N VAL C 122 -9.08 0.78 -3.29
CA VAL C 122 -9.63 -0.48 -3.77
C VAL C 122 -11.06 -0.29 -4.25
N ALA C 123 -11.33 -0.67 -5.50
CA ALA C 123 -12.68 -0.62 -6.06
C ALA C 123 -13.29 -2.02 -6.03
N GLU C 124 -14.55 -2.10 -5.61
CA GLU C 124 -15.23 -3.39 -5.41
C GLU C 124 -16.28 -3.69 -6.48
N LYS C 125 -16.65 -4.97 -6.56
CA LYS C 125 -17.67 -5.46 -7.48
C LYS C 125 -17.43 -4.99 -8.91
#